data_1AUR
#
_entry.id   1AUR
#
_cell.length_a   81.490
_cell.length_b   81.490
_cell.length_c   144.530
_cell.angle_alpha   90.00
_cell.angle_beta   90.00
_cell.angle_gamma   90.00
#
_symmetry.space_group_name_H-M   'P 41 21 2'
#
loop_
_entity.id
_entity.type
_entity.pdbx_description
1 polymer CARBOXYLESTERASE
2 non-polymer 'phenylmethanesulfonic acid'
3 water water
#
_entity_poly.entity_id   1
_entity_poly.type   'polypeptide(L)'
_entity_poly.pdbx_seq_one_letter_code
;MTEPLILQPAKPADACVIWLHGLGADRYDFMPVAEALQESLLTTRFVLPQAPTRPVTINGGYEMPSWYDIKAMSPARSIS
LEELEVSAKMVTDLIEAQKRTGIDASRIFLAGFSQGGAVVFHTAFINWQGPLGGVIALSTYAPTFGDELELSASQQRIPA
LCLHGQYDDVVQNAMGRSAFEHLKSRGVTVTWQEYPMGHEVLPQEIHDIGAWLAARLG
;
_entity_poly.pdbx_strand_id   A,B
#
loop_
_chem_comp.id
_chem_comp.type
_chem_comp.name
_chem_comp.formula
PMS non-polymer 'phenylmethanesulfonic acid' 'C7 H8 O3 S'
#
# COMPACT_ATOMS: atom_id res chain seq x y z
N MET A 1 9.03 -4.04 -28.00
CA MET A 1 10.13 -4.16 -26.98
C MET A 1 11.06 -2.93 -26.87
N THR A 2 10.84 -2.11 -25.83
CA THR A 2 11.80 -1.11 -25.37
C THR A 2 13.11 -1.81 -24.92
N GLU A 3 14.24 -1.30 -25.39
CA GLU A 3 15.56 -1.87 -25.07
C GLU A 3 15.88 -1.57 -23.60
N PRO A 4 16.63 -2.45 -22.93
CA PRO A 4 17.14 -2.12 -21.58
C PRO A 4 18.03 -0.88 -21.63
N LEU A 5 18.03 -0.08 -20.56
CA LEU A 5 19.12 0.88 -20.31
C LEU A 5 20.40 0.17 -19.83
N ILE A 6 21.55 0.68 -20.26
CA ILE A 6 22.85 0.11 -19.85
C ILE A 6 23.68 1.24 -19.34
N LEU A 7 24.19 1.16 -18.12
CA LEU A 7 24.90 2.31 -17.58
C LEU A 7 26.36 1.92 -17.41
N GLN A 8 27.22 2.56 -18.20
CA GLN A 8 28.66 2.31 -18.18
C GLN A 8 29.19 2.63 -16.79
N PRO A 9 30.00 1.72 -16.19
CA PRO A 9 30.72 2.02 -14.93
C PRO A 9 31.94 2.91 -15.20
N ALA A 10 32.72 3.19 -14.16
CA ALA A 10 33.85 4.10 -14.29
C ALA A 10 35.02 3.42 -14.98
N LYS A 11 35.41 2.23 -14.54
CA LYS A 11 36.41 1.45 -15.29
C LYS A 11 35.66 0.43 -16.16
N PRO A 12 36.41 -0.40 -16.94
CA PRO A 12 35.73 -1.41 -17.77
C PRO A 12 34.95 -2.45 -16.94
N ALA A 13 33.83 -2.94 -17.47
CA ALA A 13 32.98 -3.85 -16.72
C ALA A 13 33.57 -5.25 -16.60
N ASP A 14 33.71 -5.75 -15.38
CA ASP A 14 33.91 -7.19 -15.15
C ASP A 14 32.81 -7.78 -14.26
N ALA A 15 31.77 -6.97 -14.00
CA ALA A 15 30.57 -7.44 -13.33
C ALA A 15 29.28 -6.73 -13.81
N CYS A 16 28.14 -7.37 -13.58
CA CYS A 16 26.87 -6.83 -14.06
C CYS A 16 25.76 -6.96 -13.03
N VAL A 17 24.90 -5.97 -12.96
CA VAL A 17 23.66 -6.14 -12.25
C VAL A 17 22.47 -5.86 -13.18
N ILE A 18 21.64 -6.88 -13.37
CA ILE A 18 20.36 -6.73 -14.05
C ILE A 18 19.22 -6.42 -13.07
N TRP A 19 18.58 -5.28 -13.28
CA TRP A 19 17.74 -4.74 -12.23
C TRP A 19 16.36 -4.41 -12.75
N LEU A 20 15.36 -5.15 -12.27
CA LEU A 20 13.97 -4.98 -12.75
C LEU A 20 13.10 -4.11 -11.84
N HIS A 21 12.38 -3.18 -12.47
CA HIS A 21 11.40 -2.32 -11.83
C HIS A 21 10.07 -3.05 -11.43
N GLY A 22 9.22 -2.32 -10.70
CA GLY A 22 7.93 -2.83 -10.31
C GLY A 22 6.84 -2.40 -11.27
N LEU A 23 5.60 -2.64 -10.85
CA LEU A 23 4.46 -2.41 -11.70
C LEU A 23 4.31 -0.94 -12.00
N GLY A 24 4.28 -0.61 -13.31
CA GLY A 24 4.01 0.75 -13.76
C GLY A 24 5.25 1.62 -13.91
N ALA A 25 6.39 1.17 -13.44
CA ALA A 25 7.56 1.98 -13.61
C ALA A 25 8.12 1.75 -15.02
N ASP A 26 9.29 2.34 -15.28
CA ASP A 26 9.96 2.04 -16.52
C ASP A 26 11.45 1.80 -16.31
N ARG A 27 12.20 1.73 -17.40
CA ARG A 27 13.63 1.50 -17.33
C ARG A 27 14.44 2.59 -16.56
N TYR A 28 13.86 3.79 -16.39
CA TYR A 28 14.53 4.89 -15.70
C TYR A 28 14.40 4.87 -14.19
N ASP A 29 13.45 4.10 -13.70
CA ASP A 29 13.00 4.24 -12.34
C ASP A 29 14.13 3.95 -11.36
N PHE A 30 15.08 3.10 -11.76
CA PHE A 30 16.18 2.73 -10.88
C PHE A 30 17.51 3.17 -11.42
N MET A 31 17.49 4.15 -12.32
CA MET A 31 18.72 4.81 -12.69
C MET A 31 19.47 5.53 -11.54
N PRO A 32 18.76 6.38 -10.75
CA PRO A 32 19.42 7.08 -9.62
C PRO A 32 20.09 6.15 -8.61
N VAL A 33 19.53 4.97 -8.44
CA VAL A 33 20.10 3.97 -7.53
C VAL A 33 21.35 3.29 -8.13
N ALA A 34 21.21 2.80 -9.37
CA ALA A 34 22.30 2.35 -10.18
C ALA A 34 23.47 3.33 -10.14
N GLU A 35 23.20 4.61 -10.41
CA GLU A 35 24.29 5.59 -10.52
C GLU A 35 24.95 5.83 -9.16
N ALA A 36 24.12 6.07 -8.14
CA ALA A 36 24.58 6.06 -6.76
C ALA A 36 25.48 4.84 -6.48
N LEU A 37 25.00 3.64 -6.79
CA LEU A 37 25.77 2.41 -6.54
C LEU A 37 27.10 2.36 -7.29
N GLN A 38 27.15 3.05 -8.46
CA GLN A 38 28.35 3.05 -9.32
C GLN A 38 29.40 4.05 -8.86
N GLU A 39 29.05 4.85 -7.86
CA GLU A 39 30.07 5.68 -7.23
C GLU A 39 31.11 4.83 -6.50
N SER A 40 30.78 3.60 -6.10
CA SER A 40 31.83 2.80 -5.46
C SER A 40 32.11 1.44 -6.11
N LEU A 41 31.11 0.87 -6.79
CA LEU A 41 31.34 -0.30 -7.63
C LEU A 41 31.83 0.15 -9.04
N LEU A 42 33.15 0.19 -9.16
CA LEU A 42 33.83 0.90 -10.25
C LEU A 42 33.81 0.12 -11.56
N THR A 43 33.63 -1.20 -11.49
CA THR A 43 33.68 -2.06 -12.65
C THR A 43 32.40 -2.91 -12.82
N THR A 44 31.29 -2.45 -12.23
CA THR A 44 29.97 -3.12 -12.35
C THR A 44 29.03 -2.36 -13.33
N ARG A 45 28.55 -3.06 -14.34
CA ARG A 45 27.58 -2.53 -15.32
C ARG A 45 26.20 -2.71 -14.76
N PHE A 46 25.35 -1.76 -15.03
CA PHE A 46 24.00 -1.90 -14.58
C PHE A 46 23.08 -1.93 -15.80
N VAL A 47 22.30 -3.00 -15.90
CA VAL A 47 21.37 -3.14 -17.02
C VAL A 47 19.95 -3.03 -16.48
N LEU A 48 19.18 -2.14 -17.08
CA LEU A 48 17.88 -1.77 -16.55
C LEU A 48 16.80 -2.05 -17.60
N PRO A 49 16.34 -3.30 -17.70
CA PRO A 49 15.28 -3.69 -18.64
C PRO A 49 13.93 -3.06 -18.33
N GLN A 50 13.10 -2.90 -19.36
CA GLN A 50 11.74 -2.46 -19.20
C GLN A 50 10.75 -3.59 -19.49
N ALA A 51 9.74 -3.76 -18.63
CA ALA A 51 8.70 -4.78 -18.84
C ALA A 51 7.87 -4.37 -20.05
N PRO A 52 7.28 -5.36 -20.76
CA PRO A 52 6.30 -5.05 -21.80
C PRO A 52 5.08 -4.24 -21.30
N THR A 53 4.62 -3.30 -22.14
CA THR A 53 3.38 -2.60 -21.87
C THR A 53 2.18 -3.52 -22.17
N ARG A 54 1.45 -3.89 -21.11
CA ARG A 54 0.31 -4.75 -21.26
C ARG A 54 -0.79 -4.37 -20.28
N PRO A 55 -2.05 -4.71 -20.60
CA PRO A 55 -3.17 -4.48 -19.70
C PRO A 55 -2.90 -5.00 -18.30
N VAL A 56 -3.28 -4.23 -17.32
CA VAL A 56 -3.10 -4.63 -15.94
C VAL A 56 -4.50 -4.63 -15.36
N THR A 57 -4.90 -5.79 -14.85
CA THR A 57 -6.29 -5.99 -14.51
C THR A 57 -6.82 -5.25 -13.29
N ILE A 58 -6.02 -5.11 -12.22
CA ILE A 58 -6.42 -4.30 -11.07
C ILE A 58 -6.53 -2.81 -11.39
N ASN A 59 -5.96 -2.44 -12.54
CA ASN A 59 -5.88 -1.06 -12.98
C ASN A 59 -6.85 -0.86 -14.13
N GLY A 60 -7.76 -1.81 -14.30
CA GLY A 60 -8.86 -1.61 -15.23
C GLY A 60 -8.52 -1.93 -16.66
N GLY A 61 -7.50 -2.76 -16.86
CA GLY A 61 -7.02 -3.02 -18.20
C GLY A 61 -6.14 -1.90 -18.74
N TYR A 62 -5.78 -0.95 -17.88
CA TYR A 62 -4.84 0.09 -18.27
C TYR A 62 -3.53 -0.56 -18.68
N GLU A 63 -3.05 -0.22 -19.88
CA GLU A 63 -1.80 -0.78 -20.39
C GLU A 63 -0.58 -0.04 -19.87
N MET A 64 0.28 -0.77 -19.19
CA MET A 64 1.50 -0.18 -18.65
C MET A 64 2.59 -1.26 -18.59
N PRO A 65 3.87 -0.82 -18.47
CA PRO A 65 4.95 -1.74 -18.16
C PRO A 65 4.60 -2.69 -17.01
N SER A 66 4.56 -3.98 -17.36
CA SER A 66 4.18 -5.02 -16.42
C SER A 66 4.97 -6.30 -16.63
N TRP A 67 5.49 -6.88 -15.55
CA TRP A 67 6.09 -8.21 -15.67
C TRP A 67 5.06 -9.34 -15.76
N TYR A 68 3.89 -9.13 -15.19
CA TYR A 68 2.75 -10.06 -15.28
C TYR A 68 1.51 -9.41 -14.68
N ASP A 69 0.37 -9.90 -15.13
CA ASP A 69 -0.91 -9.38 -14.73
C ASP A 69 -1.20 -9.72 -13.30
N ILE A 70 -1.70 -8.70 -12.59
CA ILE A 70 -2.30 -8.90 -11.28
C ILE A 70 -3.78 -8.72 -11.50
N LYS A 71 -4.57 -9.63 -10.94
CA LYS A 71 -5.99 -9.74 -11.27
C LYS A 71 -6.92 -9.33 -10.12
N ALA A 72 -6.50 -9.64 -8.90
CA ALA A 72 -7.16 -9.18 -7.68
C ALA A 72 -6.06 -8.81 -6.70
N MET A 73 -6.34 -7.88 -5.79
CA MET A 73 -5.42 -7.57 -4.69
C MET A 73 -5.67 -8.51 -3.51
N SER A 74 -6.96 -8.75 -3.24
CA SER A 74 -7.40 -9.52 -2.08
C SER A 74 -8.81 -10.14 -2.19
N PRO A 75 -8.99 -11.33 -1.60
CA PRO A 75 -8.08 -11.95 -0.64
C PRO A 75 -6.83 -12.47 -1.36
N ALA A 76 -7.02 -13.61 -2.02
CA ALA A 76 -6.19 -14.04 -3.14
C ALA A 76 -5.42 -12.89 -3.77
N ARG A 77 -4.11 -12.94 -3.66
CA ARG A 77 -3.27 -12.17 -4.55
C ARG A 77 -3.09 -13.01 -5.82
N SER A 78 -3.97 -12.79 -6.81
CA SER A 78 -3.99 -13.60 -8.02
C SER A 78 -3.30 -12.97 -9.22
N ILE A 79 -2.39 -13.70 -9.86
CA ILE A 79 -1.53 -13.13 -10.90
C ILE A 79 -1.48 -14.03 -12.16
N SER A 80 -0.99 -13.47 -13.27
CA SER A 80 -0.76 -14.27 -14.47
C SER A 80 0.60 -15.00 -14.46
N LEU A 81 0.56 -16.33 -14.37
CA LEU A 81 1.78 -17.12 -14.20
C LEU A 81 2.46 -17.35 -15.52
N GLU A 82 1.67 -17.45 -16.56
CA GLU A 82 2.22 -17.57 -17.90
C GLU A 82 3.06 -16.34 -18.28
N GLU A 83 2.53 -15.16 -18.02
CA GLU A 83 3.25 -13.93 -18.33
C GLU A 83 4.52 -13.87 -17.48
N LEU A 84 4.40 -14.31 -16.23
CA LEU A 84 5.51 -14.30 -15.31
C LEU A 84 6.66 -15.17 -15.86
N GLU A 85 6.29 -16.21 -16.59
CA GLU A 85 7.28 -17.20 -17.03
C GLU A 85 7.88 -16.74 -18.31
N VAL A 86 7.09 -15.96 -19.05
CA VAL A 86 7.63 -15.32 -20.23
C VAL A 86 8.67 -14.26 -19.86
N SER A 87 8.44 -13.46 -18.82
CA SER A 87 9.46 -12.52 -18.27
C SER A 87 10.73 -13.19 -17.69
N ALA A 88 10.55 -14.32 -17.01
CA ALA A 88 11.64 -15.01 -16.34
C ALA A 88 12.56 -15.47 -17.43
N LYS A 89 11.93 -15.87 -18.53
CA LYS A 89 12.59 -16.25 -19.75
C LYS A 89 13.34 -15.08 -20.41
N MET A 90 12.70 -13.91 -20.55
CA MET A 90 13.38 -12.76 -21.13
C MET A 90 14.62 -12.41 -20.28
N VAL A 91 14.53 -12.58 -18.97
CA VAL A 91 15.64 -12.24 -18.09
C VAL A 91 16.77 -13.24 -18.28
N THR A 92 16.41 -14.50 -18.44
CA THR A 92 17.39 -15.53 -18.74
C THR A 92 18.19 -15.20 -20.00
N ASP A 93 17.49 -14.75 -21.04
CA ASP A 93 18.14 -14.34 -22.26
C ASP A 93 19.08 -13.14 -22.08
N LEU A 94 18.70 -12.22 -21.17
CA LEU A 94 19.56 -11.10 -20.78
C LEU A 94 20.85 -11.56 -20.12
N ILE A 95 20.79 -12.64 -19.32
CA ILE A 95 21.97 -13.15 -18.60
C ILE A 95 22.95 -13.68 -19.64
N GLU A 96 22.41 -14.42 -20.59
CA GLU A 96 23.21 -14.98 -21.64
C GLU A 96 23.94 -13.95 -22.50
N ALA A 97 23.21 -12.90 -22.88
CA ALA A 97 23.75 -11.79 -23.66
C ALA A 97 24.85 -10.98 -22.92
N GLN A 98 24.79 -10.95 -21.58
CA GLN A 98 25.84 -10.29 -20.80
C GLN A 98 27.11 -11.10 -20.73
N LYS A 99 26.95 -12.40 -20.56
CA LYS A 99 28.06 -13.36 -20.70
C LYS A 99 28.81 -13.21 -22.02
N ARG A 100 28.08 -13.16 -23.14
CA ARG A 100 28.70 -12.92 -24.44
C ARG A 100 29.56 -11.64 -24.57
N THR A 101 29.31 -10.64 -23.74
CA THR A 101 30.09 -9.40 -23.77
C THR A 101 31.36 -9.59 -22.96
N GLY A 102 31.50 -10.78 -22.38
CA GLY A 102 32.69 -11.11 -21.62
C GLY A 102 32.62 -10.98 -20.11
N ILE A 103 31.47 -10.66 -19.53
CA ILE A 103 31.30 -10.71 -18.10
C ILE A 103 31.11 -12.15 -17.75
N ASP A 104 31.77 -12.58 -16.67
CA ASP A 104 31.66 -13.94 -16.11
C ASP A 104 30.36 -14.12 -15.33
N ALA A 105 29.73 -15.29 -15.49
CA ALA A 105 28.41 -15.54 -14.91
C ALA A 105 28.43 -15.55 -13.38
N SER A 106 29.56 -15.91 -12.78
CA SER A 106 29.68 -15.72 -11.32
C SER A 106 29.65 -14.26 -10.86
N ARG A 107 29.65 -13.33 -11.80
CA ARG A 107 29.65 -11.89 -11.49
C ARG A 107 28.48 -11.19 -12.18
N ILE A 108 27.43 -11.94 -12.50
CA ILE A 108 26.16 -11.34 -12.92
C ILE A 108 25.22 -11.45 -11.74
N PHE A 109 24.62 -10.33 -11.33
CA PHE A 109 23.60 -10.31 -10.29
C PHE A 109 22.23 -9.94 -10.88
N LEU A 110 21.17 -10.47 -10.27
CA LEU A 110 19.79 -10.16 -10.68
C LEU A 110 19.17 -9.42 -9.51
N ALA A 111 18.56 -8.26 -9.77
CA ALA A 111 17.90 -7.49 -8.72
C ALA A 111 16.47 -7.10 -9.16
N GLY A 112 15.58 -6.87 -8.21
CA GLY A 112 14.18 -6.71 -8.54
C GLY A 112 13.42 -6.10 -7.38
N PHE A 113 12.64 -5.09 -7.72
CA PHE A 113 11.75 -4.44 -6.79
C PHE A 113 10.35 -4.90 -7.11
N SER A 114 9.61 -5.24 -6.07
CA SER A 114 8.24 -5.68 -6.20
C SER A 114 8.02 -6.67 -7.32
N GLN A 115 7.22 -6.27 -8.31
CA GLN A 115 6.80 -7.18 -9.38
C GLN A 115 8.04 -7.76 -9.95
N GLY A 116 9.07 -6.90 -10.07
CA GLY A 116 10.32 -7.30 -10.69
C GLY A 116 11.05 -8.35 -9.90
N GLY A 117 10.98 -8.26 -8.58
CA GLY A 117 11.63 -9.20 -7.68
C GLY A 117 11.01 -10.59 -7.71
N ALA A 118 9.68 -10.65 -7.94
CA ALA A 118 9.01 -11.96 -8.19
C ALA A 118 9.60 -12.77 -9.36
N VAL A 119 10.03 -12.08 -10.43
CA VAL A 119 10.58 -12.64 -11.68
C VAL A 119 12.02 -13.10 -11.47
N VAL A 120 12.74 -12.32 -10.67
CA VAL A 120 14.13 -12.60 -10.33
C VAL A 120 14.22 -13.89 -9.50
N PHE A 121 13.33 -14.10 -8.54
CA PHE A 121 13.30 -15.35 -7.77
C PHE A 121 13.07 -16.59 -8.66
N HIS A 122 12.09 -16.49 -9.56
CA HIS A 122 11.74 -17.56 -10.48
C HIS A 122 12.89 -17.85 -11.44
N THR A 123 13.51 -16.79 -11.97
CA THR A 123 14.58 -16.96 -12.97
C THR A 123 15.78 -17.68 -12.35
N ALA A 124 16.17 -17.23 -11.15
CA ALA A 124 17.36 -17.69 -10.46
C ALA A 124 17.17 -19.11 -9.95
N PHE A 125 16.07 -19.29 -9.22
CA PHE A 125 15.95 -20.49 -8.42
C PHE A 125 15.06 -21.56 -9.06
N ILE A 126 14.39 -21.19 -10.14
CA ILE A 126 13.65 -22.17 -10.89
C ILE A 126 14.27 -22.49 -12.25
N ASN A 127 14.57 -21.44 -13.04
CA ASN A 127 15.13 -21.58 -14.38
C ASN A 127 16.66 -21.79 -14.50
N TRP A 128 17.44 -20.99 -13.78
CA TRP A 128 18.87 -20.97 -14.00
C TRP A 128 19.62 -22.17 -13.46
N GLN A 129 20.50 -22.70 -14.30
CA GLN A 129 21.34 -23.86 -13.97
C GLN A 129 22.82 -23.54 -13.89
N GLY A 130 23.25 -22.32 -14.17
CA GLY A 130 24.68 -22.08 -14.17
C GLY A 130 25.24 -21.45 -12.91
N PRO A 131 26.45 -20.87 -13.01
CA PRO A 131 26.86 -20.00 -11.93
C PRO A 131 26.08 -18.70 -12.02
N LEU A 132 25.89 -18.08 -10.87
CA LEU A 132 25.32 -16.75 -10.83
C LEU A 132 25.90 -16.02 -9.65
N GLY A 133 25.89 -14.70 -9.70
CA GLY A 133 26.50 -13.94 -8.63
C GLY A 133 25.68 -13.81 -7.37
N GLY A 134 24.39 -13.53 -7.54
CA GLY A 134 23.56 -13.05 -6.45
C GLY A 134 22.17 -12.64 -6.89
N VAL A 135 21.21 -12.87 -6.00
CA VAL A 135 19.90 -12.28 -6.13
C VAL A 135 19.71 -11.25 -5.03
N ILE A 136 19.33 -10.04 -5.43
CA ILE A 136 18.93 -9.00 -4.50
C ILE A 136 17.44 -8.76 -4.73
N ALA A 137 16.65 -8.90 -3.67
CA ALA A 137 15.20 -8.86 -3.84
C ALA A 137 14.63 -7.82 -2.87
N LEU A 138 14.09 -6.74 -3.45
CA LEU A 138 13.64 -5.54 -2.73
C LEU A 138 12.12 -5.54 -2.65
N SER A 139 11.60 -5.54 -1.43
CA SER A 139 10.16 -5.29 -1.18
C SER A 139 9.28 -6.14 -2.08
N THR A 140 9.51 -7.46 -1.97
CA THR A 140 9.09 -8.45 -2.95
C THR A 140 8.69 -9.79 -2.32
N TYR A 141 8.36 -10.73 -3.19
CA TYR A 141 7.99 -12.06 -2.76
C TYR A 141 8.02 -13.00 -3.97
N ALA A 142 7.69 -14.27 -3.76
CA ALA A 142 7.95 -15.31 -4.76
C ALA A 142 6.71 -16.16 -4.89
N PRO A 143 5.74 -15.68 -5.69
CA PRO A 143 4.46 -16.36 -5.84
C PRO A 143 4.59 -17.70 -6.56
N THR A 144 5.81 -18.09 -6.89
CA THR A 144 6.00 -19.41 -7.52
C THR A 144 6.92 -20.28 -6.71
N PHE A 145 7.20 -19.86 -5.48
CA PHE A 145 7.79 -20.76 -4.49
C PHE A 145 6.69 -21.52 -3.73
N GLY A 146 6.95 -22.78 -3.41
CA GLY A 146 6.20 -23.43 -2.37
C GLY A 146 6.91 -24.65 -1.84
N ASP A 147 6.24 -25.37 -0.95
CA ASP A 147 6.77 -26.55 -0.29
C ASP A 147 7.35 -27.66 -1.22
N GLU A 148 7.02 -27.59 -2.51
CA GLU A 148 7.54 -28.58 -3.49
C GLU A 148 8.83 -28.16 -4.20
N LEU A 149 9.28 -26.93 -3.92
CA LEU A 149 10.41 -26.34 -4.60
C LEU A 149 11.65 -27.10 -4.19
N GLU A 150 12.44 -27.52 -5.18
CA GLU A 150 13.73 -28.16 -4.96
C GLU A 150 14.74 -27.41 -5.78
N LEU A 151 15.91 -27.20 -5.16
CA LEU A 151 16.99 -26.49 -5.79
C LEU A 151 17.98 -27.53 -6.29
N SER A 152 18.54 -27.32 -7.48
CA SER A 152 19.73 -28.07 -7.91
C SER A 152 20.91 -27.65 -7.05
N ALA A 153 21.99 -28.42 -7.12
CA ALA A 153 23.27 -28.05 -6.50
C ALA A 153 23.77 -26.66 -6.94
N SER A 154 23.54 -26.31 -8.20
CA SER A 154 24.05 -25.04 -8.65
C SER A 154 23.20 -23.89 -8.04
N GLN A 155 21.88 -24.07 -7.98
CA GLN A 155 20.99 -23.05 -7.43
C GLN A 155 21.18 -22.80 -5.93
N GLN A 156 21.65 -23.79 -5.20
CA GLN A 156 21.92 -23.61 -3.78
C GLN A 156 23.07 -22.66 -3.55
N ARG A 157 23.95 -22.57 -4.55
CA ARG A 157 25.22 -21.87 -4.45
C ARG A 157 25.08 -20.38 -4.76
N ILE A 158 23.89 -19.99 -5.21
CA ILE A 158 23.54 -18.57 -5.48
C ILE A 158 23.15 -17.87 -4.15
N PRO A 159 24.02 -16.99 -3.59
CA PRO A 159 23.58 -16.23 -2.40
C PRO A 159 22.47 -15.20 -2.74
N ALA A 160 21.79 -14.69 -1.73
CA ALA A 160 20.55 -13.95 -1.94
C ALA A 160 20.50 -12.95 -0.82
N LEU A 161 20.20 -11.71 -1.16
CA LEU A 161 20.05 -10.64 -0.20
C LEU A 161 18.60 -10.21 -0.35
N CYS A 162 17.95 -10.09 0.80
CA CYS A 162 16.51 -9.88 0.88
C CYS A 162 16.17 -8.68 1.74
N LEU A 163 15.50 -7.69 1.15
CA LEU A 163 15.19 -6.44 1.88
C LEU A 163 13.72 -6.03 1.86
N HIS A 164 13.27 -5.38 2.94
CA HIS A 164 11.84 -5.05 3.10
C HIS A 164 11.64 -3.90 4.07
N GLY A 165 10.52 -3.19 3.90
CA GLY A 165 10.09 -2.24 4.91
C GLY A 165 9.13 -2.91 5.87
N GLN A 166 9.21 -2.50 7.13
CA GLN A 166 8.32 -2.99 8.18
C GLN A 166 6.89 -2.62 7.86
N TYR A 167 6.69 -1.51 7.15
CA TYR A 167 5.36 -0.90 7.03
C TYR A 167 4.79 -1.00 5.63
N ASP A 168 5.20 -2.02 4.88
CA ASP A 168 4.73 -2.24 3.52
C ASP A 168 3.29 -2.77 3.46
N ASP A 169 2.40 -1.98 2.87
CA ASP A 169 1.03 -2.40 2.82
C ASP A 169 0.63 -3.01 1.50
N VAL A 170 1.58 -3.18 0.58
CA VAL A 170 1.28 -3.73 -0.75
C VAL A 170 1.90 -5.10 -0.91
N VAL A 171 3.09 -5.31 -0.38
CA VAL A 171 3.62 -6.65 -0.22
C VAL A 171 4.08 -6.72 1.23
N GLN A 172 3.32 -7.49 2.01
CA GLN A 172 3.53 -7.56 3.43
C GLN A 172 4.93 -8.06 3.77
N ASN A 173 5.52 -7.50 4.82
CA ASN A 173 6.77 -8.04 5.35
C ASN A 173 6.74 -9.59 5.37
N ALA A 174 5.56 -10.13 5.67
CA ALA A 174 5.39 -11.56 5.84
C ALA A 174 5.65 -12.39 4.57
N MET A 175 5.10 -11.94 3.44
CA MET A 175 5.42 -12.44 2.10
C MET A 175 6.90 -12.33 1.70
N GLY A 176 7.52 -11.19 2.01
CA GLY A 176 8.93 -11.01 1.74
C GLY A 176 9.70 -12.04 2.52
N ARG A 177 9.25 -12.24 3.76
CA ARG A 177 9.85 -13.16 4.74
C ARG A 177 9.67 -14.62 4.35
N SER A 178 8.50 -14.94 3.80
CA SER A 178 8.25 -16.29 3.29
C SER A 178 9.22 -16.74 2.18
N ALA A 179 9.52 -15.85 1.24
CA ALA A 179 10.48 -16.15 0.17
C ALA A 179 11.87 -16.42 0.71
N PHE A 180 12.30 -15.62 1.67
CA PHE A 180 13.59 -15.78 2.36
C PHE A 180 13.66 -17.14 3.07
N GLU A 181 12.63 -17.47 3.85
CA GLU A 181 12.62 -18.75 4.58
C GLU A 181 12.72 -19.91 3.61
N HIS A 182 11.83 -19.90 2.64
CA HIS A 182 11.88 -20.89 1.58
C HIS A 182 13.27 -21.31 1.12
N LEU A 183 14.20 -20.35 0.98
CA LEU A 183 15.57 -20.64 0.56
C LEU A 183 16.48 -20.95 1.77
N LYS A 184 16.16 -20.31 2.90
CA LYS A 184 16.92 -20.53 4.15
C LYS A 184 16.77 -21.98 4.54
N SER A 185 15.53 -22.46 4.50
CA SER A 185 15.19 -23.84 4.84
C SER A 185 15.93 -24.81 3.99
N ARG A 186 16.44 -24.33 2.86
CA ARG A 186 16.90 -25.23 1.82
C ARG A 186 18.41 -25.13 1.53
N GLY A 187 19.13 -24.44 2.41
CA GLY A 187 20.60 -24.34 2.31
C GLY A 187 21.18 -23.08 1.67
N VAL A 188 20.33 -22.19 1.13
CA VAL A 188 20.86 -21.06 0.38
C VAL A 188 21.45 -20.07 1.38
N THR A 189 22.64 -19.53 1.06
CA THR A 189 23.22 -18.44 1.83
C THR A 189 22.45 -17.14 1.57
N VAL A 190 21.71 -16.72 2.58
CA VAL A 190 20.65 -15.73 2.38
C VAL A 190 20.61 -14.78 3.60
N THR A 191 20.63 -13.48 3.35
CA THR A 191 20.56 -12.40 4.38
C THR A 191 19.23 -11.62 4.36
N TRP A 192 18.72 -11.28 5.53
CA TRP A 192 17.48 -10.51 5.67
C TRP A 192 17.72 -9.12 6.27
N GLN A 193 17.21 -8.08 5.64
CA GLN A 193 17.24 -6.77 6.24
C GLN A 193 15.87 -6.12 6.17
N GLU A 194 15.44 -5.58 7.29
CA GLU A 194 14.23 -4.79 7.38
C GLU A 194 14.61 -3.35 7.69
N TYR A 195 13.87 -2.39 7.14
CA TYR A 195 14.02 -0.97 7.47
C TYR A 195 12.64 -0.36 7.83
N PRO A 196 12.64 0.71 8.64
CA PRO A 196 11.38 1.36 9.01
C PRO A 196 10.82 2.22 7.87
N MET A 197 10.07 1.59 6.97
CA MET A 197 9.60 2.27 5.77
C MET A 197 8.50 1.43 5.15
N GLY A 198 7.91 1.95 4.06
CA GLY A 198 6.91 1.22 3.31
C GLY A 198 7.46 0.70 2.01
N HIS A 199 6.64 0.76 0.97
CA HIS A 199 6.92 0.08 -0.28
C HIS A 199 7.71 1.06 -1.07
N GLU A 200 9.01 1.08 -0.80
CA GLU A 200 9.91 2.09 -1.34
C GLU A 200 11.37 1.68 -1.10
N VAL A 201 12.28 2.59 -1.40
CA VAL A 201 13.72 2.38 -1.20
C VAL A 201 14.27 3.53 -0.35
N LEU A 202 15.11 3.20 0.63
CA LEU A 202 15.80 4.21 1.44
C LEU A 202 17.27 4.28 1.07
N PRO A 203 17.89 5.43 1.40
CA PRO A 203 19.34 5.57 1.23
C PRO A 203 20.18 4.51 1.94
N GLN A 204 19.77 4.16 3.16
CA GLN A 204 20.50 3.21 3.97
C GLN A 204 20.39 1.77 3.38
N GLU A 205 19.25 1.53 2.73
CA GLU A 205 18.99 0.31 1.99
C GLU A 205 19.95 0.17 0.83
N ILE A 206 20.13 1.28 0.11
CA ILE A 206 21.04 1.31 -1.04
C ILE A 206 22.45 1.08 -0.57
N HIS A 207 22.85 1.77 0.49
CA HIS A 207 24.19 1.59 1.05
C HIS A 207 24.48 0.12 1.39
N ASP A 208 23.53 -0.53 2.06
CA ASP A 208 23.68 -1.91 2.45
C ASP A 208 23.87 -2.84 1.24
N ILE A 209 23.12 -2.55 0.17
CA ILE A 209 23.18 -3.34 -1.05
C ILE A 209 24.57 -3.18 -1.68
N GLY A 210 25.07 -1.95 -1.59
CA GLY A 210 26.38 -1.61 -2.09
C GLY A 210 27.45 -2.38 -1.36
N ALA A 211 27.28 -2.48 -0.05
CA ALA A 211 28.20 -3.26 0.78
C ALA A 211 28.16 -4.76 0.49
N TRP A 212 26.96 -5.32 0.28
CA TRP A 212 26.84 -6.76 0.02
C TRP A 212 27.43 -7.17 -1.36
N LEU A 213 27.22 -6.34 -2.36
CA LEU A 213 27.75 -6.61 -3.71
C LEU A 213 29.29 -6.60 -3.70
N ALA A 214 29.83 -5.55 -3.07
CA ALA A 214 31.27 -5.36 -3.00
C ALA A 214 31.94 -6.52 -2.24
N ALA A 215 31.24 -7.04 -1.24
CA ALA A 215 31.70 -8.21 -0.52
C ALA A 215 31.67 -9.45 -1.43
N ARG A 216 30.65 -9.54 -2.30
CA ARG A 216 30.54 -10.60 -3.32
C ARG A 216 31.52 -10.43 -4.50
N LEU A 217 31.89 -9.19 -4.82
CA LEU A 217 32.87 -8.96 -5.88
C LEU A 217 34.29 -9.19 -5.43
N GLY A 218 34.54 -8.98 -4.14
CA GLY A 218 35.89 -8.90 -3.65
C GLY A 218 36.60 -10.24 -3.63
N MET B 1 -28.80 -6.08 4.35
CA MET B 1 -29.03 -4.79 5.09
C MET B 1 -28.65 -4.86 6.58
N THR B 2 -27.55 -5.56 6.89
CA THR B 2 -27.13 -5.84 8.27
C THR B 2 -27.11 -4.58 9.15
N GLU B 3 -27.43 -4.74 10.43
CA GLU B 3 -27.75 -3.61 11.27
C GLU B 3 -26.49 -3.19 12.03
N PRO B 4 -26.42 -1.91 12.44
CA PRO B 4 -25.32 -1.36 13.24
C PRO B 4 -25.03 -2.10 14.54
N LEU B 5 -23.81 -1.95 15.01
CA LEU B 5 -23.46 -2.27 16.39
C LEU B 5 -23.51 -0.99 17.28
N ILE B 6 -24.48 -0.90 18.19
CA ILE B 6 -24.54 0.22 19.13
C ILE B 6 -24.01 -0.12 20.52
N LEU B 7 -22.86 0.47 20.84
CA LEU B 7 -22.26 0.40 22.17
C LEU B 7 -22.76 1.59 22.96
N GLN B 8 -23.45 1.33 24.07
CA GLN B 8 -24.02 2.39 24.93
C GLN B 8 -23.02 2.81 25.99
N PRO B 9 -22.99 4.11 26.33
CA PRO B 9 -22.02 4.62 27.31
C PRO B 9 -22.36 4.27 28.77
N ALA B 10 -21.50 4.70 29.68
CA ALA B 10 -21.68 4.48 31.12
C ALA B 10 -22.69 5.44 31.75
N LYS B 11 -22.86 6.61 31.14
CA LYS B 11 -23.87 7.57 31.56
C LYS B 11 -24.85 7.74 30.39
N PRO B 12 -26.09 8.25 30.64
CA PRO B 12 -27.03 8.62 29.58
C PRO B 12 -26.34 9.33 28.43
N ALA B 13 -26.39 8.73 27.24
CA ALA B 13 -25.74 9.32 26.07
C ALA B 13 -26.21 10.77 25.81
N ASP B 14 -25.26 11.66 25.60
CA ASP B 14 -25.55 13.01 25.13
C ASP B 14 -24.69 13.40 23.93
N ALA B 15 -23.95 12.40 23.43
CA ALA B 15 -23.11 12.50 22.22
C ALA B 15 -23.17 11.21 21.42
N CYS B 16 -22.67 11.26 20.19
CA CYS B 16 -22.63 10.09 19.33
C CYS B 16 -21.47 10.10 18.33
N VAL B 17 -20.71 9.01 18.30
CA VAL B 17 -19.68 8.79 17.29
C VAL B 17 -20.08 7.63 16.40
N ILE B 18 -20.36 7.95 15.14
CA ILE B 18 -20.63 6.99 14.09
C ILE B 18 -19.31 6.67 13.40
N TRP B 19 -18.87 5.42 13.51
CA TRP B 19 -17.58 4.99 12.96
C TRP B 19 -17.77 4.01 11.82
N LEU B 20 -17.21 4.33 10.65
CA LEU B 20 -17.33 3.43 9.51
C LEU B 20 -16.00 2.73 9.27
N HIS B 21 -16.04 1.41 9.07
CA HIS B 21 -14.82 0.62 8.90
C HIS B 21 -14.21 0.76 7.47
N GLY B 22 -13.10 0.08 7.22
CA GLY B 22 -12.51 0.10 5.89
C GLY B 22 -13.00 -1.01 4.96
N LEU B 23 -12.52 -0.98 3.71
CA LEU B 23 -12.82 -2.02 2.74
C LEU B 23 -12.52 -3.44 3.23
N GLY B 24 -13.55 -4.29 3.16
CA GLY B 24 -13.37 -5.71 3.33
C GLY B 24 -13.59 -6.15 4.75
N ALA B 25 -13.65 -5.16 5.64
CA ALA B 25 -13.74 -5.38 7.09
C ALA B 25 -15.20 -5.39 7.51
N ASP B 26 -15.44 -5.58 8.81
CA ASP B 26 -16.82 -5.51 9.28
C ASP B 26 -17.06 -4.56 10.46
N ARG B 27 -18.31 -4.50 10.91
CA ARG B 27 -18.74 -3.56 11.93
C ARG B 27 -18.16 -3.87 13.32
N TYR B 28 -17.42 -4.96 13.40
CA TYR B 28 -16.74 -5.34 14.63
C TYR B 28 -15.28 -4.89 14.66
N ASP B 29 -14.83 -4.33 13.54
CA ASP B 29 -13.45 -3.90 13.37
C ASP B 29 -13.01 -2.87 14.42
N PHE B 30 -13.88 -1.94 14.74
CA PHE B 30 -13.50 -0.84 15.60
C PHE B 30 -14.12 -0.90 16.98
N MET B 31 -14.93 -1.93 17.20
CA MET B 31 -15.57 -2.22 18.49
C MET B 31 -14.59 -2.15 19.66
N PRO B 32 -13.39 -2.76 19.54
CA PRO B 32 -12.35 -2.60 20.55
C PRO B 32 -11.90 -1.18 20.81
N VAL B 33 -11.82 -0.39 19.73
CA VAL B 33 -11.37 0.99 19.80
C VAL B 33 -12.45 1.81 20.48
N ALA B 34 -13.70 1.62 20.05
CA ALA B 34 -14.81 2.38 20.62
C ALA B 34 -14.91 2.10 22.12
N GLU B 35 -14.67 0.86 22.52
CA GLU B 35 -14.72 0.50 23.91
C GLU B 35 -13.58 1.15 24.68
N ALA B 36 -12.40 1.24 24.04
CA ALA B 36 -11.26 1.89 24.68
C ALA B 36 -11.62 3.36 24.96
N LEU B 37 -12.28 3.99 24.01
CA LEU B 37 -12.56 5.41 24.12
C LEU B 37 -13.64 5.71 25.16
N GLN B 38 -14.60 4.79 25.26
CA GLN B 38 -15.75 4.95 26.15
C GLN B 38 -15.35 4.90 27.61
N GLU B 39 -14.23 4.26 27.88
CA GLU B 39 -13.66 4.27 29.21
C GLU B 39 -13.19 5.67 29.57
N SER B 40 -13.20 6.54 28.57
CA SER B 40 -12.83 7.94 28.72
C SER B 40 -14.02 8.89 28.49
N LEU B 41 -14.76 8.65 27.40
CA LEU B 41 -15.93 9.43 27.04
C LEU B 41 -17.16 8.70 27.60
N LEU B 42 -17.66 9.18 28.74
CA LEU B 42 -18.52 8.37 29.59
C LEU B 42 -19.99 8.47 29.23
N THR B 43 -20.29 9.43 28.34
CA THR B 43 -21.64 9.77 27.92
C THR B 43 -21.75 9.62 26.41
N THR B 44 -20.78 8.94 25.81
CA THR B 44 -20.67 8.97 24.35
C THR B 44 -20.96 7.62 23.74
N ARG B 45 -21.97 7.60 22.89
CA ARG B 45 -22.44 6.37 22.29
C ARG B 45 -21.73 6.15 20.96
N PHE B 46 -21.35 4.90 20.69
CA PHE B 46 -20.75 4.52 19.42
C PHE B 46 -21.64 3.60 18.59
N VAL B 47 -22.09 4.08 17.42
CA VAL B 47 -22.80 3.22 16.48
C VAL B 47 -21.99 2.91 15.23
N LEU B 48 -21.64 1.63 15.08
CA LEU B 48 -20.73 1.18 14.02
C LEU B 48 -21.54 0.47 12.93
N PRO B 49 -21.86 1.19 11.86
CA PRO B 49 -22.57 0.54 10.76
C PRO B 49 -21.70 -0.45 9.99
N GLN B 50 -22.34 -1.20 9.10
CA GLN B 50 -21.58 -2.07 8.22
C GLN B 50 -21.91 -1.74 6.81
N ALA B 51 -20.85 -1.58 6.01
CA ALA B 51 -20.95 -1.44 4.56
C ALA B 51 -21.64 -2.66 3.96
N PRO B 52 -22.56 -2.43 3.01
CA PRO B 52 -23.28 -3.56 2.41
C PRO B 52 -22.34 -4.42 1.58
N THR B 53 -22.75 -5.66 1.34
CA THR B 53 -21.88 -6.62 0.66
C THR B 53 -22.09 -6.55 -0.84
N ARG B 54 -21.02 -6.13 -1.52
CA ARG B 54 -21.02 -5.87 -2.95
C ARG B 54 -19.78 -6.50 -3.56
N PRO B 55 -19.83 -6.82 -4.88
CA PRO B 55 -18.62 -6.91 -5.71
C PRO B 55 -17.63 -5.77 -5.53
N VAL B 56 -16.37 -6.12 -5.39
CA VAL B 56 -15.33 -5.13 -5.52
C VAL B 56 -14.53 -5.51 -6.74
N THR B 57 -14.54 -4.63 -7.73
CA THR B 57 -13.92 -4.83 -9.05
C THR B 57 -12.39 -5.10 -8.99
N ILE B 58 -11.66 -4.24 -8.29
CA ILE B 58 -10.21 -4.43 -8.14
C ILE B 58 -9.81 -5.64 -7.29
N ASN B 59 -10.78 -6.25 -6.63
CA ASN B 59 -10.46 -7.47 -5.90
C ASN B 59 -11.00 -8.67 -6.61
N GLY B 60 -11.44 -8.46 -7.85
CA GLY B 60 -11.80 -9.55 -8.71
C GLY B 60 -13.27 -9.85 -8.63
N GLY B 61 -14.05 -8.84 -8.26
CA GLY B 61 -15.47 -9.04 -8.08
C GLY B 61 -15.79 -9.90 -6.86
N TYR B 62 -14.77 -10.29 -6.09
CA TYR B 62 -14.95 -10.95 -4.81
C TYR B 62 -15.91 -10.08 -4.01
N GLU B 63 -16.95 -10.69 -3.44
CA GLU B 63 -17.91 -9.92 -2.68
C GLU B 63 -17.45 -9.79 -1.26
N MET B 64 -17.48 -8.56 -0.76
CA MET B 64 -17.05 -8.27 0.59
C MET B 64 -17.67 -6.93 1.03
N PRO B 65 -17.68 -6.65 2.34
CA PRO B 65 -18.27 -5.39 2.81
C PRO B 65 -17.52 -4.21 2.19
N SER B 66 -18.29 -3.32 1.59
CA SER B 66 -17.72 -2.34 0.70
C SER B 66 -18.62 -1.09 0.58
N TRP B 67 -18.05 0.05 0.93
CA TRP B 67 -18.76 1.35 0.88
C TRP B 67 -18.96 1.94 -0.52
N TYR B 68 -18.17 1.48 -1.50
CA TYR B 68 -18.33 1.80 -2.92
C TYR B 68 -17.26 1.08 -3.76
N ASP B 69 -17.52 0.96 -5.05
CA ASP B 69 -16.65 0.14 -5.89
C ASP B 69 -15.33 0.86 -6.22
N ILE B 70 -14.22 0.15 -6.08
CA ILE B 70 -12.93 0.64 -6.52
C ILE B 70 -12.60 -0.07 -7.83
N LYS B 71 -12.64 0.66 -8.95
CA LYS B 71 -12.55 0.00 -10.26
C LYS B 71 -11.13 -0.05 -10.80
N ALA B 72 -10.25 0.80 -10.25
CA ALA B 72 -8.86 0.87 -10.69
C ALA B 72 -8.04 1.72 -9.73
N MET B 73 -6.73 1.56 -9.84
CA MET B 73 -5.83 2.18 -8.86
C MET B 73 -4.86 3.19 -9.47
N SER B 74 -4.54 3.00 -10.76
CA SER B 74 -3.36 3.59 -11.34
C SER B 74 -3.39 3.51 -12.86
N PRO B 75 -3.02 4.61 -13.54
CA PRO B 75 -2.62 5.85 -12.85
C PRO B 75 -3.77 6.80 -12.55
N ALA B 76 -4.92 6.52 -13.14
CA ALA B 76 -6.11 7.29 -12.82
C ALA B 76 -7.05 6.35 -12.07
N ARG B 77 -7.39 6.74 -10.85
CA ARG B 77 -8.23 5.93 -10.01
C ARG B 77 -9.65 6.05 -10.48
N SER B 78 -10.45 5.02 -10.26
CA SER B 78 -11.84 5.01 -10.70
C SER B 78 -12.70 4.39 -9.61
N ILE B 79 -13.76 5.08 -9.21
CA ILE B 79 -14.76 4.51 -8.27
C ILE B 79 -16.21 4.68 -8.70
N SER B 80 -17.10 4.10 -7.90
CA SER B 80 -18.56 4.19 -8.04
C SER B 80 -19.12 5.42 -7.30
N LEU B 81 -19.45 6.50 -8.01
CA LEU B 81 -20.07 7.64 -7.35
C LEU B 81 -21.47 7.26 -6.84
N GLU B 82 -22.14 6.35 -7.55
CA GLU B 82 -23.47 5.87 -7.18
C GLU B 82 -23.58 5.19 -5.82
N GLU B 83 -22.72 4.22 -5.56
CA GLU B 83 -22.74 3.50 -4.30
C GLU B 83 -22.20 4.36 -3.15
N LEU B 84 -21.19 5.18 -3.45
CA LEU B 84 -20.73 6.22 -2.54
C LEU B 84 -21.90 7.10 -2.06
N GLU B 85 -22.74 7.55 -2.98
CA GLU B 85 -23.90 8.35 -2.60
C GLU B 85 -24.99 7.62 -1.81
N VAL B 86 -25.20 6.32 -2.07
CA VAL B 86 -26.09 5.56 -1.21
C VAL B 86 -25.47 5.19 0.14
N SER B 87 -24.14 5.15 0.22
CA SER B 87 -23.45 5.05 1.53
C SER B 87 -23.51 6.37 2.31
N ALA B 88 -23.17 7.47 1.63
CA ALA B 88 -23.38 8.80 2.15
C ALA B 88 -24.81 8.97 2.63
N LYS B 89 -25.77 8.65 1.80
CA LYS B 89 -27.18 8.80 2.14
C LYS B 89 -27.57 8.03 3.38
N MET B 90 -26.89 6.92 3.62
CA MET B 90 -27.26 6.06 4.74
C MET B 90 -26.59 6.45 6.07
N VAL B 91 -25.54 7.26 6.00
CA VAL B 91 -24.88 7.87 7.18
C VAL B 91 -25.76 9.00 7.73
N THR B 92 -26.15 9.89 6.81
CA THR B 92 -27.09 10.94 7.09
C THR B 92 -28.35 10.39 7.74
N ASP B 93 -28.70 9.15 7.41
CA ASP B 93 -29.85 8.45 7.98
C ASP B 93 -29.57 7.94 9.40
N LEU B 94 -28.34 7.46 9.61
CA LEU B 94 -27.91 7.09 10.94
C LEU B 94 -27.84 8.32 11.85
N ILE B 95 -27.72 9.51 11.25
CA ILE B 95 -27.57 10.74 12.02
C ILE B 95 -28.93 11.27 12.51
N GLU B 96 -29.90 11.30 11.60
CA GLU B 96 -31.18 11.86 11.92
C GLU B 96 -32.04 10.88 12.67
N ALA B 97 -31.47 9.71 12.93
CA ALA B 97 -32.04 8.74 13.84
C ALA B 97 -31.44 8.93 15.22
N GLN B 98 -30.18 9.37 15.26
CA GLN B 98 -29.59 9.67 16.55
C GLN B 98 -30.25 10.93 17.09
N LYS B 99 -30.39 11.91 16.21
CA LYS B 99 -31.15 13.13 16.52
C LYS B 99 -32.53 12.82 17.13
N ARG B 100 -33.30 11.99 16.44
CA ARG B 100 -34.63 11.61 16.89
C ARG B 100 -34.56 10.89 18.23
N THR B 101 -33.53 10.08 18.40
CA THR B 101 -33.22 9.45 19.67
C THR B 101 -33.12 10.47 20.80
N GLY B 102 -32.71 11.69 20.49
CA GLY B 102 -32.59 12.72 21.50
C GLY B 102 -31.19 13.29 21.68
N ILE B 103 -30.30 13.01 20.73
CA ILE B 103 -28.95 13.62 20.69
C ILE B 103 -28.96 14.85 19.80
N ASP B 104 -28.10 15.81 20.13
CA ASP B 104 -28.05 17.07 19.40
C ASP B 104 -26.94 17.02 18.34
N ALA B 105 -27.23 17.54 17.16
CA ALA B 105 -26.35 17.40 16.02
C ALA B 105 -24.94 17.87 16.31
N SER B 106 -24.79 18.74 17.31
CA SER B 106 -23.51 19.37 17.62
C SER B 106 -22.55 18.45 18.35
N ARG B 107 -23.06 17.37 18.92
CA ARG B 107 -22.20 16.37 19.55
C ARG B 107 -22.30 15.01 18.89
N ILE B 108 -22.87 14.97 17.68
CA ILE B 108 -22.68 13.82 16.80
C ILE B 108 -21.43 14.04 15.96
N PHE B 109 -20.48 13.11 16.05
CA PHE B 109 -19.28 13.08 15.20
C PHE B 109 -19.32 11.95 14.20
N LEU B 110 -18.77 12.20 13.02
CA LEU B 110 -18.55 11.15 12.04
C LEU B 110 -17.08 10.70 12.02
N ALA B 111 -16.83 9.41 11.90
CA ALA B 111 -15.46 8.87 11.87
C ALA B 111 -15.28 7.79 10.79
N GLY B 112 -14.09 7.75 10.21
CA GLY B 112 -13.88 6.86 9.08
C GLY B 112 -12.44 6.36 9.00
N PHE B 113 -12.31 5.06 8.74
CA PHE B 113 -11.04 4.48 8.36
C PHE B 113 -11.08 4.14 6.88
N SER B 114 -10.06 4.62 6.17
CA SER B 114 -9.91 4.33 4.76
C SER B 114 -11.14 4.66 3.96
N GLN B 115 -11.80 3.62 3.47
CA GLN B 115 -12.88 3.75 2.49
C GLN B 115 -14.04 4.44 3.24
N GLY B 116 -14.16 4.12 4.53
CA GLY B 116 -15.15 4.77 5.38
C GLY B 116 -14.97 6.28 5.49
N GLY B 117 -13.72 6.72 5.62
CA GLY B 117 -13.42 8.15 5.66
C GLY B 117 -13.83 8.95 4.42
N ALA B 118 -13.66 8.34 3.25
CA ALA B 118 -14.03 9.00 2.02
C ALA B 118 -15.55 9.21 1.94
N VAL B 119 -16.30 8.38 2.69
CA VAL B 119 -17.76 8.44 2.74
C VAL B 119 -18.21 9.51 3.73
N VAL B 120 -17.52 9.56 4.86
CA VAL B 120 -17.71 10.58 5.90
C VAL B 120 -17.30 12.03 5.44
N PHE B 121 -16.20 12.18 4.72
CA PHE B 121 -15.88 13.43 4.03
C PHE B 121 -17.00 13.88 3.10
N HIS B 122 -17.47 12.98 2.25
CA HIS B 122 -18.53 13.37 1.34
C HIS B 122 -19.82 13.75 2.07
N THR B 123 -20.20 13.03 3.12
CA THR B 123 -21.41 13.42 3.84
C THR B 123 -21.24 14.75 4.63
N ALA B 124 -20.14 14.92 5.35
CA ALA B 124 -19.95 16.16 6.13
C ALA B 124 -19.97 17.40 5.28
N PHE B 125 -19.12 17.39 4.26
CA PHE B 125 -18.77 18.60 3.54
C PHE B 125 -19.35 18.72 2.14
N ILE B 126 -20.17 17.77 1.73
CA ILE B 126 -20.89 17.92 0.48
C ILE B 126 -22.39 17.87 0.63
N ASN B 127 -22.90 16.92 1.44
CA ASN B 127 -24.35 16.74 1.61
C ASN B 127 -24.91 17.56 2.78
N TRP B 128 -24.40 17.31 3.99
CA TRP B 128 -24.91 17.92 5.23
C TRP B 128 -24.81 19.46 5.32
N GLN B 129 -25.97 20.12 5.43
CA GLN B 129 -26.02 21.57 5.58
C GLN B 129 -26.55 22.04 6.92
N GLY B 130 -26.22 21.30 7.97
CA GLY B 130 -26.71 21.58 9.30
C GLY B 130 -25.61 21.57 10.34
N PRO B 131 -25.96 21.53 11.64
CA PRO B 131 -24.88 21.46 12.62
C PRO B 131 -24.38 20.03 12.75
N LEU B 132 -23.10 19.90 13.07
CA LEU B 132 -22.43 18.62 13.23
C LEU B 132 -21.24 18.84 14.18
N GLY B 133 -20.99 17.86 15.03
CA GLY B 133 -19.86 17.91 15.93
C GLY B 133 -18.52 17.95 15.23
N GLY B 134 -18.33 17.14 14.20
CA GLY B 134 -17.01 16.99 13.62
C GLY B 134 -16.76 15.67 12.91
N VAL B 135 -15.70 15.65 12.09
CA VAL B 135 -15.31 14.53 11.23
C VAL B 135 -13.92 14.06 11.65
N ILE B 136 -13.76 12.76 11.81
CA ILE B 136 -12.45 12.17 12.08
C ILE B 136 -12.06 11.27 10.91
N ALA B 137 -11.03 11.65 10.18
CA ALA B 137 -10.65 10.93 8.99
C ALA B 137 -9.37 10.17 9.29
N LEU B 138 -9.40 8.84 9.14
CA LEU B 138 -8.23 7.98 9.41
C LEU B 138 -7.73 7.25 8.14
N SER B 139 -6.49 7.51 7.77
CA SER B 139 -5.81 6.81 6.68
C SER B 139 -6.62 6.85 5.40
N THR B 140 -6.99 8.04 4.95
CA THR B 140 -8.07 8.22 4.01
C THR B 140 -7.82 9.47 3.12
N TYR B 141 -8.82 9.80 2.30
CA TYR B 141 -8.75 10.96 1.42
C TYR B 141 -10.15 11.23 0.92
N ALA B 142 -10.28 12.16 -0.03
CA ALA B 142 -11.58 12.62 -0.48
C ALA B 142 -11.68 12.57 -2.02
N PRO B 143 -12.11 11.42 -2.55
CA PRO B 143 -12.24 11.21 -3.99
C PRO B 143 -13.04 12.31 -4.70
N THR B 144 -13.96 12.90 -3.93
CA THR B 144 -14.93 13.91 -4.38
C THR B 144 -14.61 15.35 -3.96
N PHE B 145 -13.41 15.63 -3.46
CA PHE B 145 -12.95 17.02 -3.32
C PHE B 145 -12.14 17.36 -4.57
N GLY B 146 -12.53 18.40 -5.32
CA GLY B 146 -11.70 18.92 -6.40
C GLY B 146 -11.54 20.44 -6.28
N ASP B 147 -10.93 21.07 -7.29
CA ASP B 147 -10.77 22.53 -7.39
C ASP B 147 -12.09 23.29 -7.22
N GLU B 148 -13.17 22.72 -7.71
CA GLU B 148 -14.47 23.38 -7.62
C GLU B 148 -15.13 23.28 -6.25
N LEU B 149 -14.42 22.79 -5.25
CA LEU B 149 -15.01 22.57 -3.94
C LEU B 149 -15.40 23.90 -3.27
N GLU B 150 -16.65 23.97 -2.80
CA GLU B 150 -17.17 25.20 -2.21
C GLU B 150 -18.00 24.85 -0.98
N LEU B 151 -17.56 25.33 0.18
CA LEU B 151 -18.25 25.02 1.42
C LEU B 151 -19.27 26.10 1.75
N SER B 152 -20.26 25.71 2.55
CA SER B 152 -21.25 26.64 3.03
C SER B 152 -20.82 27.13 4.41
N ALA B 153 -21.53 28.13 4.90
CA ALA B 153 -21.25 28.70 6.21
C ALA B 153 -21.29 27.67 7.33
N SER B 154 -22.27 26.76 7.28
CA SER B 154 -22.41 25.74 8.32
C SER B 154 -21.41 24.58 8.19
N GLN B 155 -21.05 24.23 6.96
CA GLN B 155 -20.05 23.19 6.68
C GLN B 155 -18.63 23.60 7.08
N GLN B 156 -18.32 24.88 6.88
CA GLN B 156 -17.06 25.46 7.32
C GLN B 156 -16.90 25.43 8.81
N ARG B 157 -18.00 25.24 9.54
CA ARG B 157 -17.98 25.32 11.00
C ARG B 157 -17.81 23.96 11.66
N ILE B 158 -17.94 22.90 10.87
CA ILE B 158 -17.62 21.54 11.30
C ILE B 158 -16.09 21.38 11.40
N PRO B 159 -15.58 21.08 12.60
CA PRO B 159 -14.14 20.78 12.73
C PRO B 159 -13.77 19.34 12.27
N ALA B 160 -12.54 19.15 11.79
CA ALA B 160 -12.07 17.84 11.37
C ALA B 160 -10.71 17.52 11.95
N LEU B 161 -10.43 16.23 12.07
CA LEU B 161 -9.16 15.71 12.55
C LEU B 161 -8.73 14.66 11.50
N CYS B 162 -7.60 14.92 10.84
CA CYS B 162 -7.08 14.06 9.77
C CYS B 162 -5.84 13.38 10.25
N LEU B 163 -5.85 12.06 10.24
CA LEU B 163 -4.74 11.30 10.77
C LEU B 163 -4.25 10.30 9.71
N HIS B 164 -2.94 10.06 9.71
CA HIS B 164 -2.39 9.30 8.63
C HIS B 164 -1.05 8.71 9.01
N GLY B 165 -0.71 7.61 8.34
CA GLY B 165 0.62 7.05 8.43
C GLY B 165 1.61 7.50 7.36
N GLN B 166 2.77 7.92 7.84
CA GLN B 166 3.94 8.24 7.01
C GLN B 166 4.15 7.25 5.87
N TYR B 167 4.05 5.95 6.15
CA TYR B 167 4.40 4.96 5.14
C TYR B 167 3.18 4.18 4.71
N ASP B 168 2.06 4.87 4.57
CA ASP B 168 0.86 4.24 3.99
C ASP B 168 1.03 4.01 2.47
N ASP B 169 0.99 2.78 2.00
CA ASP B 169 1.18 2.50 0.57
C ASP B 169 -0.14 2.22 -0.13
N VAL B 170 -1.21 2.20 0.66
CA VAL B 170 -2.54 1.95 0.15
C VAL B 170 -3.20 3.28 -0.13
N VAL B 171 -3.31 4.17 0.87
CA VAL B 171 -3.74 5.52 0.58
C VAL B 171 -2.60 6.49 0.87
N GLN B 172 -1.92 6.89 -0.18
CA GLN B 172 -0.72 7.68 -0.05
C GLN B 172 -0.92 8.82 0.93
N ASN B 173 0.14 9.09 1.67
CA ASN B 173 0.16 10.12 2.66
C ASN B 173 -0.33 11.43 2.01
N ALA B 174 0.19 11.71 0.81
CA ALA B 174 -0.24 12.85 -0.02
C ALA B 174 -1.74 12.91 -0.32
N MET B 175 -2.37 11.77 -0.56
CA MET B 175 -3.83 11.77 -0.72
C MET B 175 -4.58 12.17 0.55
N GLY B 176 -4.09 11.74 1.70
CA GLY B 176 -4.67 12.19 2.94
C GLY B 176 -4.39 13.67 3.21
N ARG B 177 -3.16 14.09 2.88
CA ARG B 177 -2.74 15.49 3.06
C ARG B 177 -3.57 16.43 2.17
N SER B 178 -3.82 16.01 0.95
CA SER B 178 -4.61 16.85 0.05
C SER B 178 -6.02 17.12 0.56
N ALA B 179 -6.67 16.13 1.19
CA ALA B 179 -8.00 16.35 1.79
C ALA B 179 -7.95 17.43 2.87
N PHE B 180 -6.93 17.34 3.71
CA PHE B 180 -6.64 18.31 4.74
C PHE B 180 -6.49 19.74 4.18
N GLU B 181 -5.96 19.83 2.95
CA GLU B 181 -5.58 21.11 2.37
C GLU B 181 -6.73 21.72 1.62
N HIS B 182 -7.61 20.89 1.12
CA HIS B 182 -8.83 21.39 0.51
C HIS B 182 -9.79 21.92 1.58
N LEU B 183 -9.69 21.34 2.76
CA LEU B 183 -10.54 21.72 3.88
C LEU B 183 -9.99 22.98 4.56
N LYS B 184 -8.67 23.13 4.55
CA LYS B 184 -8.01 24.24 5.22
C LYS B 184 -8.16 25.53 4.38
N SER B 185 -8.02 25.40 3.08
CA SER B 185 -8.15 26.57 2.21
C SER B 185 -9.56 27.16 2.24
N ARG B 186 -10.52 26.34 2.69
CA ARG B 186 -11.92 26.68 2.57
C ARG B 186 -12.54 27.06 3.91
N GLY B 187 -11.71 27.41 4.88
CA GLY B 187 -12.22 27.96 6.11
C GLY B 187 -12.46 26.97 7.22
N VAL B 188 -12.10 25.70 6.99
CA VAL B 188 -12.33 24.66 7.98
C VAL B 188 -11.18 24.56 9.01
N THR B 189 -11.59 24.39 10.26
CA THR B 189 -10.71 24.08 11.34
C THR B 189 -10.31 22.61 11.34
N VAL B 190 -9.18 22.34 10.69
CA VAL B 190 -8.62 21.01 10.59
C VAL B 190 -7.27 20.88 11.30
N THR B 191 -7.06 19.69 11.84
CA THR B 191 -5.80 19.29 12.50
C THR B 191 -5.21 18.04 11.80
N TRP B 192 -3.92 18.06 11.51
CA TRP B 192 -3.28 16.95 10.81
C TRP B 192 -2.29 16.26 11.73
N GLN B 193 -2.41 14.96 11.92
CA GLN B 193 -1.40 14.23 12.65
C GLN B 193 -0.94 12.99 11.91
N GLU B 194 0.39 12.90 11.82
CA GLU B 194 1.12 11.82 11.14
C GLU B 194 1.78 10.87 12.14
N TYR B 195 1.90 9.62 11.72
CA TYR B 195 2.46 8.58 12.57
C TYR B 195 3.41 7.68 11.79
N PRO B 196 4.46 7.16 12.45
CA PRO B 196 5.43 6.24 11.81
C PRO B 196 4.86 4.82 11.69
N MET B 197 4.15 4.57 10.58
CA MET B 197 3.29 3.41 10.43
C MET B 197 2.70 3.32 9.01
N GLY B 198 2.12 2.16 8.69
CA GLY B 198 1.45 1.96 7.41
C GLY B 198 -0.06 2.17 7.44
N HIS B 199 -0.80 1.29 6.79
CA HIS B 199 -2.26 1.33 6.75
C HIS B 199 -2.83 0.55 7.92
N GLU B 200 -3.05 1.28 9.01
CA GLU B 200 -3.35 0.67 10.29
C GLU B 200 -3.69 1.73 11.30
N VAL B 201 -4.04 1.29 12.48
CA VAL B 201 -4.25 2.21 13.59
C VAL B 201 -3.31 1.87 14.74
N LEU B 202 -2.79 2.94 15.37
CA LEU B 202 -1.90 2.84 16.52
C LEU B 202 -2.64 3.25 17.82
N PRO B 203 -2.19 2.71 18.95
CA PRO B 203 -2.54 3.15 20.31
C PRO B 203 -2.45 4.66 20.55
N GLN B 204 -1.29 5.25 20.30
CA GLN B 204 -1.16 6.71 20.33
C GLN B 204 -2.28 7.47 19.57
N GLU B 205 -2.50 7.07 18.31
CA GLU B 205 -3.47 7.70 17.44
C GLU B 205 -4.85 7.64 18.10
N ILE B 206 -5.17 6.50 18.72
CA ILE B 206 -6.48 6.28 19.37
C ILE B 206 -6.52 7.12 20.64
N HIS B 207 -5.35 7.29 21.28
CA HIS B 207 -5.20 8.23 22.37
C HIS B 207 -5.37 9.68 21.90
N ASP B 208 -4.81 10.00 20.73
CA ASP B 208 -4.97 11.32 20.14
C ASP B 208 -6.42 11.62 19.80
N ILE B 209 -7.15 10.62 19.32
CA ILE B 209 -8.58 10.81 19.03
C ILE B 209 -9.43 11.14 20.26
N GLY B 210 -9.25 10.36 21.33
CA GLY B 210 -10.00 10.55 22.56
C GLY B 210 -9.78 11.91 23.17
N ALA B 211 -8.54 12.39 23.14
CA ALA B 211 -8.20 13.72 23.59
C ALA B 211 -8.92 14.78 22.77
N TRP B 212 -8.93 14.60 21.45
CA TRP B 212 -9.53 15.58 20.53
C TRP B 212 -10.98 15.77 20.87
N LEU B 213 -11.61 14.66 21.26
CA LEU B 213 -13.06 14.59 21.39
C LEU B 213 -13.50 15.20 22.70
N ALA B 214 -12.76 14.83 23.76
CA ALA B 214 -12.89 15.44 25.06
C ALA B 214 -12.73 16.98 25.01
N ALA B 215 -12.00 17.49 24.03
CA ALA B 215 -11.97 18.94 23.83
C ALA B 215 -13.21 19.41 23.05
N ARG B 216 -13.67 18.63 22.10
CA ARG B 216 -14.82 19.02 21.31
C ARG B 216 -16.10 19.06 22.11
N LEU B 217 -16.22 18.14 23.06
CA LEU B 217 -17.38 18.07 23.94
C LEU B 217 -17.09 18.83 25.23
N GLY B 218 -15.84 19.30 25.37
CA GLY B 218 -15.51 20.33 26.34
C GLY B 218 -15.40 21.73 25.71
C PMS C . 3.32 -4.75 -6.13
S PMS C . 4.68 -4.06 -7.06
C1 PMS C . 2.01 -4.04 -6.29
C2 PMS C . 0.82 -4.77 -6.27
C3 PMS C . -0.40 -4.16 -6.62
C4 PMS C . -0.42 -2.81 -7.00
C5 PMS C . 0.77 -2.07 -7.01
C6 PMS C . 1.98 -2.68 -6.65
O2S PMS C . 5.24 -2.29 -7.12
O1S PMS C . 4.62 -4.31 -8.74
C PMS D . -9.96 1.36 0.68
S PMS D . -9.31 1.64 2.27
C1 PMS D . -9.00 1.22 -0.48
C2 PMS D . -8.75 -0.03 -1.07
C3 PMS D . -8.12 -0.10 -2.34
C4 PMS D . -7.74 1.08 -3.01
C5 PMS D . -7.95 2.31 -2.40
C6 PMS D . -8.57 2.38 -1.15
O2S PMS D . -9.63 0.39 3.50
O1S PMS D . -7.91 1.86 1.72
#